data_1K01
#
_entry.id   1K01
#
_cell.length_a   171.100
_cell.length_b   409.300
_cell.length_c   696.900
_cell.angle_alpha   90.00
_cell.angle_beta   90.00
_cell.angle_gamma   90.00
#
_symmetry.space_group_name_H-M   'I 2 2 2'
#
loop_
_entity.id
_entity.type
_entity.pdbx_description
1 polymer '23S rRNA'
2 polymer 'Ribosomal Protein L4'
3 polymer 'Ribosomal Protein L22'
4 polymer 'Ribosomal Protein L32'
5 non-polymer 'MAGNESIUM ION'
6 non-polymer CHLORAMPHENICOL
#
loop_
_entity_poly.entity_id
_entity_poly.type
_entity_poly.pdbx_seq_one_letter_code
_entity_poly.pdbx_strand_id
1 'polyribonucleotide'
;GGUCAAGAUAGUAAGGGUCCACGGUGGAUGCCCUGGCGCUGGAGCCGAUGAAGGACGCGAUUACCUGCGAAAAGCCCCGA
CGAGCUGGAGAUACGCUUUGACUCGGGGAUGUCCGAAUGGGGAAACCCACCUCGUAAGAGGUAUCCGCAAGGAUGGGAAC
UCAGGGAACUGAAACAUCUCAGUACCUGAAGGAGAAGAAAGAGAAUUCGAUUCCGUUAGUAGCGGCGAGCGAACCCGGAU
CAGCCCAAACCGAAACGCUUGCGUUUCGGGGUUGUAGGACCAGUUUUUAAGAUUCAACCCCUCAAGCCGAAGUGGCUGGA
AAGCUACACCUCAGAAGGUGAGAGUCCUGUAGGCGAACGAGCGGUUGACUGUACUGGCACCUGAGUAGGUCGUUGUUCGU
GAAACGAUGACUGAAUCCGCGCGGACCACCGCGCAAGGCUAAAUACUCCCAGUGACCGAUAGCGCAUAGUACCGUGAGGG
AAAGGUGAAAAGAACCCCGGGAGGGGAGUGAAAGAGAACCUGAAACCGUGGACUUACAAGCAGUCAUGGCACCUUAUGCG
UGUUAUGGCGUGCCUAUUGAAGCAUGAGCCGGCGACUUAGACCUGACGUGCGAGCUUAAGUUGAAAAACGGAGGCGGAGC
GAAAGCGAGUCCGAAUAGGGCGGCAUUAGUACGUCGGGCUAGACUCGAAACCAGGUGAGCUAAGCAUGACCAGGUUGAAA
CCCCCGUGACAGGGGGCGGAGGACCGAACCGGUGCCUGCUGAAACAGUCUCGGAUGAGUUGUGUUUAGGAGUGAAAAGCU
AACCGAACCUGGAGAUAGCUAGUUCUCCCCGAAAUGUAUUGAGGUACAGCCUCGGAUGUUGACCAUGUCCUGUAGAGCAC
UCACAAGGCUAGGGGGCCUACCAGCUUACCAAACCUUAUGAAACUCCGAAGGGGCACGCGUUUAGUCCGGGAGUGAGGCU
GCGAGAGCUAACUUCCGUAGCCGAGAGGGAAACAACCCAGACCAUCAGCUAAGGUCCCUAAAUGAUCGCUCAGUGGUUAA
GGAUGUGUCGUCGCAUAGACAGCCAGGAGGUUGGCUUAGAAGCAGCCACCCUUCAAAGAGUGCGUAAUAGCUCACUGGUC
GAGUGACGAUGCGCCGAAAAUGAUCGGGGCUCAAGUGAUCUACCGAAGCUAUGGAUUCAACUCGCGAAGCGAGUUGUCUG
GUAGGGGAGCGUUCAGUCCGCGGAGAAGCCAUACCGGAAGGAGUGGUGGAGCCGACUGAAGUGCGGAUGCCGGCAUGAGU
AACGAUAAAAGAAGUGAGAAUCUUCUUCGCCGUAAGGACAAGGGUUCCUGGGGAAGGGUCGUCCGCCCAGGGAAAGUCGG
GACCUAAGGUGAGGCCGAACGGCGCAGCCGAUGGACAGCAGGUCAAGAUUCCUGCACCGAUCAUGUGGAGUGAUGGAGGG
ACGCAUUACGCUAUCCAAUGCCAAGCUAUGGCUAUGCUGGUUGGUACGCUCAAGGGCGAUCGGGUCAGAAAAUCUACCGG
UCACAUGCCUCAGACGUAUCGGGAGCUUCCUCGGAAGCGAAGUUGGAAACGCGACGGUGCCAAGAAAAGCUUCUAAACGU
UGAAACAUGAUUGCCCGUACCGCAAACCGACACAGGUGUCCGAGUGUCAAUGCACUAAGGCGCGCGAGAGAACCCUCGUU
AAGGAACUUUGCAAUCUCACCCCGUAACUUCGGAAGAAGGGGUCCCCACGCUUCGCGUGGGGCGCAGUGAAUAGGCCCAG
GCGACUGUUUACCAAAAUCACAGCACUCUGCCAACACGAACAGUGGACGUAUAGGGUGUGACGCCUGCCCGGUGCCGGAA
GGUCAAGUGGAGCGGUGCAAGCUGCGAAAUGAAGCCCCGGUGAACGGCGGCCGUAACUAUAACGGUCCUAAGGUAGCGAA
AUUCCUUGUCGGGUAAGUUCCGACCUGCACGAAAGGCGUAACGAUCUGGGCGCUGUCUCAACGAGGGACUCGGUGAAAUU
GAAUUGGCUGUAAAGAUGCGGCCUACCCGUAGCAGGACGAAAAGACCCCGUGGAGCUUUACUAUAGUCUGGCAUUGGGAU
UCGGGUUUCUCUGCGUAGGAUAGGUGGGAGCCUGCGAAACUGGCCUUUUGGGGUCGGUGGAGGCAACGGUGAAAUACCAC
CCUGAGAAACUUGGAUUUCUAACCUGAAAAAUCACUUUCGGGGACCGUGCUUGGCGGGUAGUUUGACUGGGGCGGUCGCC
UCCCAAAAUGUAACGGAGGCGCCCAAAGGUCACCUCAAGACGGUUGGAAAUCGUCUGUAGAGCGCAAAGGUAGAAGGUGG
CUUGACUGCGAGACUGACACGUCGAGCAGGGAGGAAACUCGGGCUUAGUGAACCGGUGGUACCGUGUGGAAGGGCCAUCG
AUCAACGGAUAAAAGUUACCCCGGGGAUAACAGGCUGAUCUCCCCCGAGAGUCCAUAUCGGCGGGGAGGUUUGGCACCUC
GAUGUCGGCUCGUCGCAUCCUGGGGCUGAAGAAGGUCCCAAGGGUUGGGCUGUUCGCCCAUUAAAGCGGCACGCGAGCUG
GGUUCAGAACGUCGUGAGACAGUUCGGUCUCUAUCCGCUACGGGCGCAGGAGAAUUGAGGGGAGUUGCUCCUAGUACGAG
AGGACCGGAGUGAACGGACCGCUGGUCUCCCUGCUGUCGUACCAACGGCACAUGCAGGGUAGCUAUGUCCGGAACGGAUA
ACCGCUGAAAGCAUCUAAGCGGGAAGCCAGCCCCAAGAUGAGUUCUCCCACUGUUUAUCAGGUAAGACUCCCGGAAGACC
ACCGGGUUAAGAGGCCAGGCGUGCACGCAUAGCAAUGUGUUCAGCGGACUGGUGCUCAUCAGUCGAGGUCUUGACCACUC
;
A
2 'polypeptide(L)'
;MAQINVIGQNGGRTIELPLPEVNSGVLHEVVTWQLASRRRGTASTRTRAQVSKTGRKMYGQKGTGNARHGDRSVPTFVGG
GVAFGPKPRSYDYTLPRQVRQLGLAMAIASRQEGGKLVAVDGFDIADAKTKNFISWAKQNGLDGTEKVLLVTDDENTRRA
ARNVSWVSVLPVAGVNVYDILRHDRLVIDAAALEIVEEEAGEEQQ
;
K
3 'polypeptide(L)'
;MTAPEQTFRNKKQRKQQVKLRKPGFAVAKYVRMSPRKVRLVVDVIRGKSVQDAEDLLRFIPRSASEPVAKVLNSAKANAL
HNDEMLEDRLFVKEAYVDAGPTLKRLIPRARGSANIIKKRTSHITIIVAEKGNK
;
L
4 'polypeptide(L)' MAKHPVPKKKTSKSKRDMRRSHHALTAPNLTECPQCHGKKLSHHICPNCGYYDGRQVLAV M
#
loop_
_chem_comp.id
_chem_comp.type
_chem_comp.name
_chem_comp.formula
A RNA linking ADENOSINE-5'-MONOPHOSPHATE 'C10 H14 N5 O7 P'
C RNA linking CYTIDINE-5'-MONOPHOSPHATE 'C9 H14 N3 O8 P'
CLM non-polymer CHLORAMPHENICOL 'C11 H12 Cl2 N2 O5'
G RNA linking GUANOSINE-5'-MONOPHOSPHATE 'C10 H14 N5 O8 P'
MG non-polymer 'MAGNESIUM ION' 'Mg 2'
U RNA linking URIDINE-5'-MONOPHOSPHATE 'C9 H13 N2 O9 P'
Y DNA linking '2'-DEOXY-N6-(S)STYRENE OXIDE ADENOSINE MONOPHOSPHATE' 'C18 H22 N5 O7 P'
#
# COMPACT_ATOMS: atom_id res chain seq x y z
CA ALA B 2 8.03 -47.91 -28.69
CA GLN B 3 4.66 -46.41 -29.65
CA ILE B 4 2.86 -46.40 -33.00
CA ASN B 5 2.23 -43.54 -35.47
CA VAL B 6 -1.31 -42.48 -36.40
CA ILE B 7 -2.34 -41.40 -39.90
CA GLY B 8 -0.36 -42.41 -42.97
CA GLN B 9 1.96 -45.31 -42.14
CA ASN B 10 1.55 -47.52 -39.06
CA GLY B 11 4.90 -48.67 -37.69
CA GLY B 12 6.25 -48.05 -34.21
CA ARG B 13 9.83 -49.19 -33.56
CA THR B 14 13.37 -47.78 -34.15
CA ILE B 15 14.63 -45.45 -31.40
CA GLU B 16 18.09 -45.51 -29.86
CA LEU B 17 16.39 -42.94 -27.60
CA PRO B 18 17.90 -43.36 -24.09
CA LEU B 19 15.76 -45.64 -22.00
CA PRO B 20 17.36 -45.44 -18.56
CA GLU B 21 15.10 -45.22 -15.54
CA VAL B 22 13.88 -41.65 -16.06
CA ASN B 23 16.48 -39.86 -13.95
CA SER B 24 15.76 -36.42 -12.52
CA GLY B 25 19.03 -34.51 -12.22
CA VAL B 26 20.27 -35.29 -15.72
CA LEU B 27 16.88 -34.21 -17.07
CA HIS B 28 16.46 -31.13 -14.88
CA GLU B 29 20.10 -30.06 -15.06
CA VAL B 30 19.22 -29.21 -18.66
CA VAL B 31 15.92 -27.54 -17.75
CA THR B 32 17.65 -25.39 -15.15
CA TRP B 33 20.20 -24.67 -17.87
CA GLN B 34 17.82 -23.70 -20.66
CA LEU B 35 16.08 -21.27 -18.30
CA ALA B 36 19.38 -20.05 -16.85
CA SER B 37 20.58 -19.51 -20.42
CA ARG B 38 17.24 -18.12 -21.62
CA ARG B 39 17.73 -15.26 -19.18
CA ARG B 40 18.85 -11.81 -20.34
CA GLY B 41 21.14 -9.87 -18.03
CA THR B 42 19.47 -6.48 -18.05
CA ALA B 43 19.14 -4.31 -14.94
CA SER B 44 19.59 -0.66 -13.99
CA THR B 45 20.90 -0.87 -10.40
CA ARG B 46 23.12 2.09 -9.55
CA THR B 47 25.64 -0.18 -7.82
CA ARG B 48 27.79 2.57 -9.24
CA ALA B 49 26.28 4.86 -6.60
CA GLN B 50 29.66 6.54 -6.29
CA VAL B 51 29.36 7.23 -10.02
CA SER B 52 25.84 8.67 -10.25
CA LYS B 53 26.03 12.45 -10.83
CA THR B 54 25.55 14.17 -7.46
CA GLY B 55 28.15 15.68 -5.15
CA ARG B 56 31.64 14.70 -4.03
CA LYS B 57 33.11 17.12 -1.49
CA MET B 58 30.65 17.61 1.38
CA TYR B 59 30.65 20.16 4.23
CA GLY B 60 33.08 20.12 7.16
CA GLN B 61 35.12 17.16 8.38
CA LYS B 62 36.70 17.09 11.86
CA GLY B 63 34.51 19.16 14.13
CA THR B 64 31.47 20.24 12.15
CA GLY B 65 28.12 18.47 11.99
CA ASN B 66 29.33 15.49 14.00
CA ALA B 67 29.27 13.20 10.97
CA ARG B 68 32.21 12.08 8.84
CA HIS B 69 31.00 11.18 5.34
CA GLY B 70 31.81 13.62 2.55
CA ASP B 71 29.92 12.34 -0.51
CA ARG B 72 26.24 12.46 -1.48
CA SER B 73 26.72 9.08 -3.17
CA VAL B 74 27.15 6.88 -0.09
CA PRO B 75 24.97 3.73 -0.13
CA THR B 76 24.26 4.66 3.48
CA PHE B 77 22.58 7.88 2.29
CA VAL B 78 19.32 8.74 0.54
CA GLY B 79 19.00 8.69 -3.23
CA GLY B 80 22.62 8.03 -4.15
CA GLY B 81 22.68 4.43 -5.34
CA VAL B 82 23.22 0.86 -4.16
CA ALA B 83 26.16 -1.18 -2.88
CA PHE B 84 25.89 -4.60 -4.54
CA GLY B 85 23.22 -4.58 -7.22
CA PRO B 86 22.25 -6.72 -10.27
CA LYS B 87 25.12 -5.42 -12.43
CA PRO B 88 24.63 -6.29 -16.14
CA ARG B 89 25.83 -9.86 -16.76
CA SER B 90 25.55 -12.44 -19.55
CA TYR B 91 25.05 -15.80 -17.81
CA ASP B 92 25.78 -18.72 -20.13
CA TYR B 93 26.13 -22.29 -18.84
CA THR B 94 27.19 -24.17 -21.97
CA LEU B 95 26.77 -27.84 -21.00
CA PRO B 96 28.16 -30.94 -22.79
CA ARG B 97 26.25 -32.23 -25.83
CA GLN B 98 25.77 -35.59 -24.15
CA VAL B 99 23.91 -34.28 -21.09
CA ARG B 100 21.87 -32.22 -23.57
CA GLN B 101 20.89 -35.04 -25.93
CA LEU B 102 20.94 -37.63 -23.15
CA GLY B 103 18.56 -35.28 -21.40
CA LEU B 104 16.47 -34.11 -24.34
CA ALA B 105 15.63 -37.79 -24.67
CA MET B 106 14.85 -38.32 -20.98
CA ALA B 107 11.70 -36.32 -21.74
CA ILE B 108 10.61 -38.18 -24.87
CA ALA B 109 11.30 -41.33 -22.85
CA SER B 110 9.28 -40.17 -19.84
CA ARG B 111 6.41 -39.58 -22.26
CA GLN B 112 6.42 -43.10 -23.68
CA GLU B 113 4.58 -44.12 -20.50
CA GLY B 114 1.94 -41.45 -19.92
CA GLY B 115 0.80 -41.10 -23.50
CA LYS B 116 2.50 -39.97 -26.70
CA LEU B 117 1.13 -39.46 -30.22
CA VAL B 118 2.80 -39.35 -33.62
CA ALA B 119 1.91 -38.35 -37.18
CA VAL B 120 3.89 -39.52 -40.19
CA ASP B 121 1.66 -38.02 -42.87
CA GLY B 122 -1.14 -36.73 -40.66
CA PHE B 123 -3.41 -35.81 -43.57
CA ASP B 124 -6.44 -34.03 -42.12
CA ILE B 125 -6.13 -30.38 -43.17
CA ALA B 126 -8.92 -28.30 -44.68
CA ASP B 127 -6.53 -25.63 -45.95
CA ALA B 128 -5.90 -24.35 -42.41
CA LYS B 129 -9.06 -23.56 -40.45
CA THR B 130 -8.23 -24.62 -36.88
CA LYS B 131 -11.31 -26.85 -37.11
CA ASN B 132 -10.23 -30.13 -38.71
CA PHE B 133 -7.23 -29.80 -36.40
CA ILE B 134 -9.02 -29.55 -33.05
CA SER B 135 -11.56 -32.18 -34.12
CA TRP B 136 -8.78 -34.65 -34.94
CA ALA B 137 -8.04 -34.45 -31.22
CA LYS B 138 -11.21 -36.37 -30.36
CA GLN B 139 -9.97 -39.21 -32.57
CA ASN B 140 -7.21 -40.04 -30.08
CA GLY B 141 -7.31 -38.87 -26.47
CA LEU B 142 -7.19 -35.08 -26.47
CA ASP B 143 -10.37 -34.34 -24.51
CA GLY B 144 -9.58 -31.07 -22.76
CA THR B 145 -7.13 -31.43 -19.88
CA GLU B 146 -3.79 -31.86 -21.64
CA LYS B 147 -1.45 -29.38 -23.31
CA VAL B 148 -0.45 -30.88 -26.67
CA LEU B 149 2.84 -30.34 -28.50
CA LEU B 150 2.41 -31.36 -32.16
CA VAL B 151 5.88 -30.03 -33.07
CA THR B 152 5.30 -30.61 -36.79
CA ASP B 153 7.23 -29.14 -39.70
CA ASP B 154 4.68 -29.17 -42.54
CA GLU B 155 3.80 -25.51 -43.20
CA ASN B 156 0.01 -25.83 -43.37
CA THR B 157 0.08 -28.00 -40.21
CA ARG B 158 1.58 -24.99 -38.42
CA ARG B 159 -0.80 -22.16 -39.35
CA ALA B 160 -3.99 -23.95 -38.27
CA ALA B 161 -2.71 -24.30 -34.71
CA ARG B 162 -2.97 -21.51 -32.14
CA ASN B 163 -4.71 -22.77 -29.02
CA VAL B 164 -3.25 -21.71 -25.66
CA SER B 165 -4.74 -24.48 -23.52
CA TRP B 166 -4.23 -26.92 -26.38
CA VAL B 167 -1.77 -26.27 -29.21
CA SER B 168 1.82 -24.98 -29.10
CA VAL B 169 3.38 -26.58 -32.17
CA LEU B 170 7.05 -25.75 -32.69
CA PRO B 171 8.16 -26.09 -36.36
CA VAL B 172 11.68 -26.53 -37.73
CA ALA B 173 12.41 -29.70 -35.70
CA GLY B 174 13.30 -28.15 -32.36
CA VAL B 175 12.00 -30.34 -29.55
CA ASN B 176 14.15 -29.97 -26.44
CA VAL B 177 13.50 -30.87 -22.78
CA TYR B 178 11.89 -27.71 -21.37
CA ASP B 179 9.33 -27.01 -24.11
CA ILE B 180 8.37 -30.69 -24.03
CA LEU B 181 7.72 -30.56 -20.27
CA ARG B 182 6.22 -27.09 -20.69
CA HIS B 183 3.04 -28.99 -21.53
CA ASP B 184 1.64 -32.52 -21.34
CA ARG B 185 1.07 -34.95 -24.23
CA LEU B 186 3.14 -34.95 -27.42
CA VAL B 187 2.01 -35.44 -31.02
CA ILE B 188 5.37 -35.36 -32.79
CA ASP B 189 4.97 -35.51 -36.56
CA ALA B 190 6.97 -37.96 -38.70
CA ALA B 191 10.16 -39.20 -37.04
CA ALA B 192 12.63 -36.85 -38.77
CA LEU B 193 14.92 -37.00 -35.73
CA GLU B 194 13.55 -40.17 -34.11
CA ILE B 195 13.66 -43.06 -36.58
CA VAL B 196 16.05 -41.24 -38.92
CA GLU B 197 19.29 -41.69 -36.97
CA GLU B 198 22.99 -41.88 -37.82
CA GLU C 5 -30.49 -6.97 17.15
CA GLN C 6 -30.14 -5.72 13.58
CA THR C 7 -29.00 -8.64 11.43
CA PHE C 8 -27.22 -7.83 8.17
CA ARG C 9 -25.36 -9.49 5.29
CA ASN C 10 -22.16 -7.88 4.00
CA LYS C 11 -19.95 -5.00 5.10
CA LYS C 12 -21.22 -3.23 1.96
CA GLN C 13 -24.94 -3.73 2.59
CA ARG C 14 -24.68 -1.84 5.87
CA LYS C 15 -23.18 1.11 4.01
CA GLN C 16 -26.44 1.32 2.07
CA GLN C 17 -29.21 1.29 4.68
CA VAL C 18 -26.71 3.09 6.93
CA LYS C 19 -25.09 6.40 6.01
CA LEU C 20 -23.02 6.42 9.19
CA ARG C 21 -23.64 9.97 10.39
CA LYS C 22 -23.10 10.80 14.09
CA PRO C 23 -25.29 13.73 15.27
CA GLY C 24 -24.56 16.32 17.98
CA PHE C 25 -20.95 16.86 16.97
CA ALA C 26 -18.84 19.65 15.44
CA VAL C 27 -15.22 20.47 14.60
CA ALA C 28 -13.03 23.51 13.89
CA LYS C 29 -10.21 22.17 11.72
CA TYR C 30 -7.19 24.28 10.77
CA VAL C 31 -7.08 26.51 13.86
CA ARG C 32 -3.65 28.18 13.95
CA MET C 33 -3.56 27.85 17.73
CA SER C 34 -1.39 25.39 19.65
CA PRO C 35 -3.44 22.33 20.70
CA ARG C 36 -1.96 22.67 24.19
CA LYS C 37 -3.37 26.13 24.88
CA VAL C 38 -6.75 25.51 23.23
CA ARG C 39 -6.83 22.24 25.18
CA LEU C 40 -7.10 24.30 28.37
CA VAL C 41 -10.11 26.42 27.43
CA VAL C 42 -11.83 23.22 26.29
CA ASP C 43 -10.93 21.49 29.57
CA VAL C 44 -13.39 23.63 31.51
CA ILE C 45 -15.94 23.49 28.68
CA ARG C 46 -16.75 19.80 28.99
CA GLY C 47 -18.91 19.19 32.06
CA LYS C 48 -22.57 20.15 32.35
CA SER C 49 -25.10 22.31 30.46
CA VAL C 50 -24.16 24.12 27.25
CA GLN C 51 -25.42 27.40 28.71
CA ASP C 52 -22.91 27.38 31.57
CA ALA C 53 -20.43 26.66 28.78
CA GLU C 54 -21.45 29.97 27.22
CA ASP C 55 -21.11 32.20 30.28
CA LEU C 56 -17.73 30.65 31.09
CA LEU C 57 -16.35 31.63 27.68
CA ARG C 58 -17.62 35.15 26.96
CA PHE C 59 -14.80 36.21 29.28
CA ILE C 60 -11.74 33.97 29.78
CA PRO C 61 -8.69 36.16 29.01
CA ARG C 62 -7.47 33.29 26.81
CA SER C 63 -7.86 34.21 23.14
CA ALA C 64 -8.85 30.60 22.51
CA SER C 65 -12.09 31.12 24.43
CA GLU C 66 -13.48 32.63 21.20
CA PRO C 67 -12.64 30.25 18.33
CA VAL C 68 -13.55 27.35 20.62
CA ALA C 69 -16.80 29.09 21.53
CA LYS C 70 -17.80 29.64 17.91
CA VAL C 71 -17.82 25.85 17.66
CA LEU C 72 -19.84 25.38 20.85
CA ASN C 73 -22.82 27.26 19.44
CA SER C 74 -22.20 25.34 16.22
CA ALA C 75 -22.62 21.96 17.89
CA LYS C 76 -25.50 23.39 19.93
CA ALA C 77 -27.13 24.38 16.62
CA ASN C 78 -26.88 20.97 14.94
CA ALA C 79 -28.08 19.46 18.21
CA LEU C 80 -31.38 21.35 18.05
CA HIS C 81 -31.79 21.34 14.27
CA ASN C 82 -30.28 18.29 12.57
CA ASP C 83 -29.88 16.15 15.68
CA GLU C 84 -33.33 17.32 16.80
CA MET C 85 -32.88 17.87 20.54
CA LEU C 86 -33.84 20.36 23.26
CA GLU C 87 -31.42 23.04 24.46
CA ASP C 88 -33.02 22.78 27.90
CA ARG C 89 -31.12 19.49 28.23
CA LEU C 90 -28.16 19.98 25.90
CA PHE C 91 -24.79 19.96 27.67
CA VAL C 92 -21.12 19.15 27.04
CA LYS C 93 -20.48 15.40 26.98
CA GLU C 94 -17.29 15.32 24.89
CA ALA C 95 -14.75 18.07 24.25
CA TYR C 96 -11.31 17.35 22.80
CA VAL C 97 -8.80 19.02 20.48
CA ASP C 98 -6.89 16.94 17.95
CA ALA C 99 -3.78 18.51 16.39
CA GLY C 100 -3.53 20.38 13.11
CA PRO C 101 -0.51 20.29 10.72
CA THR C 102 2.63 22.39 11.12
CA LEU C 103 4.07 25.56 9.58
CA LYS C 104 7.57 26.57 8.52
CA ARG C 105 9.14 29.78 9.84
CA LEU C 106 12.94 29.97 9.83
CA ILE C 107 13.55 32.46 12.65
CA PRO C 108 17.11 33.78 12.05
CA ARG C 109 18.97 33.03 15.27
CA ALA C 110 22.26 34.58 16.40
CA ARG C 111 25.49 33.68 14.60
CA GLY C 112 24.35 31.98 11.41
CA SER C 113 22.53 29.22 13.27
CA ALA C 114 19.19 28.83 11.50
CA ASN C 115 16.01 27.58 13.16
CA ILE C 116 12.39 26.49 12.69
CA ILE C 117 9.18 27.57 14.42
CA LYS C 118 6.33 25.13 14.98
CA LYS C 119 3.13 27.11 14.35
CA ARG C 120 1.06 24.14 15.53
CA THR C 121 -2.59 24.06 14.48
CA SER C 122 -5.60 22.48 16.18
CA HIS C 123 -8.86 20.64 15.46
CA ILE C 124 -11.22 21.99 18.11
CA THR C 125 -13.88 19.29 18.52
CA ILE C 126 -16.83 19.18 20.93
CA ILE C 127 -19.92 16.97 21.23
CA VAL C 128 -23.17 18.22 22.75
CA ALA C 129 -26.39 16.31 23.41
CA GLU C 130 -29.30 15.68 25.78
CA LYS C 131 -28.28 14.09 29.09
CA GLY C 132 -29.36 13.16 32.60
CA ASN C 133 -29.83 9.98 34.62
CA LYS C 134 -32.75 9.35 32.27
CA ALA D 2 28.59 27.53 22.85
CA LYS D 3 25.36 26.51 24.53
CA HIS D 4 26.59 25.59 28.03
CA PRO D 5 23.95 24.71 30.73
CA VAL D 6 22.36 21.79 28.87
CA PRO D 7 19.89 19.04 29.83
CA LYS D 8 20.67 15.37 30.35
CA LYS D 9 17.33 13.55 30.61
CA LYS D 10 14.19 13.87 28.48
CA THR D 11 11.25 12.79 30.58
CA SER D 12 8.27 12.40 28.23
CA LYS D 13 4.69 12.23 29.59
CA SER D 14 5.84 11.18 33.08
CA LYS D 15 7.49 14.39 34.35
CA ARG D 16 6.07 16.53 31.55
CA ASP D 17 2.51 15.89 32.69
CA MET D 18 3.50 16.44 36.32
CA ARG D 19 4.15 20.01 35.16
CA ARG D 20 0.78 20.30 33.41
CA SER D 21 -1.25 19.51 36.55
CA HIS D 22 -0.92 23.07 37.81
CA HIS D 23 -1.65 24.57 34.41
CA ALA D 24 -5.41 24.37 35.03
CA LEU D 25 -7.70 27.27 34.09
CA THR D 26 -9.58 28.71 37.06
CA ALA D 27 -13.33 28.84 36.29
CA PRO D 28 -14.32 32.54 36.29
CA ASN D 29 -16.80 32.62 39.20
CA LEU D 30 -19.75 34.45 37.63
CA THR D 31 -22.90 35.95 39.13
CA GLU D 32 -26.35 37.12 38.03
CA CYS D 33 -26.91 40.75 37.04
CA PRO D 34 -29.56 43.07 38.61
CA GLN D 35 -32.53 43.81 36.35
CA CYS D 36 -30.30 42.10 33.83
CA HIS D 37 -29.52 38.39 33.46
CA GLY D 38 -26.46 36.23 32.85
CA LYS D 39 -22.78 37.09 32.21
CA LYS D 40 -21.34 39.00 35.19
CA LEU D 41 -17.70 38.82 36.18
CA SER D 42 -18.19 40.02 39.75
CA HIS D 43 -16.96 43.56 40.45
CA HIS D 44 -17.03 44.53 36.77
CA ILE D 45 -19.83 45.36 34.35
CA CYS D 46 -22.73 43.44 32.82
CA PRO D 47 -22.55 43.63 28.96
CA ASN D 48 -26.26 43.30 28.15
CA CYS D 49 -27.22 46.23 30.34
CA GLY D 50 -24.32 47.77 32.24
CA TYR D 51 -25.54 48.00 35.84
CA TYR D 52 -23.59 48.30 39.08
CA ASP D 53 -26.37 49.69 41.28
CA GLY D 54 -27.84 51.61 38.38
CA ARG D 55 -27.17 51.88 34.65
CA GLN D 56 -23.68 53.04 33.65
CA VAL D 57 -21.88 52.45 30.33
CA LEU D 58 -23.90 52.32 27.10
CA ALA D 59 -24.41 49.36 24.75
MG MG E . 45.52 25.80 17.74
MG MG F . 43.51 23.06 31.28
MG MG G . 42.52 12.29 34.61
C1 CLM H . 49.93 19.85 32.21
CL1 CLM H . 50.81 20.76 33.37
CL2 CLM H . 50.47 18.17 32.40
C2 CLM H . 48.37 19.85 32.58
O2 CLM H . 48.03 19.72 33.76
N2 CLM H . 47.59 19.97 31.48
C3 CLM H . 46.13 19.96 31.53
C4 CLM H . 45.75 20.02 33.03
O4 CLM H . 44.40 20.62 33.13
C5 CLM H . 45.48 18.73 30.78
O5 CLM H . 44.75 19.28 29.67
C6 CLM H . 44.43 17.99 31.65
C7 CLM H . 43.06 17.77 31.09
C8 CLM H . 42.06 17.10 31.84
C9 CLM H . 42.39 16.65 33.10
N9 CLM H . 41.45 15.92 34.00
O9A CLM H . 40.62 16.46 34.52
O9B CLM H . 41.70 14.63 34.20
C10 CLM H . 43.71 16.84 33.72
C11 CLM H . 44.71 17.51 32.99
#